data_3NE7
#
_entry.id   3NE7
#
_cell.length_a   69.224
_cell.length_b   69.224
_cell.length_c   90.628
_cell.angle_alpha   90.00
_cell.angle_beta   90.00
_cell.angle_gamma   90.00
#
_symmetry.space_group_name_H-M   'P 43 21 2'
#
loop_
_entity.id
_entity.type
_entity.pdbx_description
1 polymer ACETYLTRANSFERASE
2 non-polymer 'NICKEL (II) ION'
3 non-polymer 'COENZYME A'
4 non-polymer BETA-MERCAPTOETHANOL
5 non-polymer 'SULFATE ION'
6 non-polymer GLYCEROL
7 non-polymer 'UNKNOWN LIGAND'
8 water water
#
_entity_poly.entity_id   1
_entity_poly.type   'polypeptide(L)'
_entity_poly.pdbx_seq_one_letter_code
;(MSE)SIEIRKLSIEDLETLIEVARESWKWTYAGIYSEEYIESWIREKYSKEKLLNEIVRSQSNLDILFLGAFADSTLIG
FIELKIIANKAELLRLYLKPEYTHKKIGKTLLLEAEKI(MSE)KKKGILECRLYVHRQNSVGFSFYYKNGFKVEDTDGSD
FI(MSE)EKKY
;
_entity_poly.pdbx_strand_id   A
#
# COMPACT_ATOMS: atom_id res chain seq x y z
N SER A 2 -10.28 -15.43 -9.84
CA SER A 2 -8.88 -15.55 -10.17
C SER A 2 -8.11 -14.24 -9.87
N ILE A 3 -7.30 -14.27 -8.82
CA ILE A 3 -6.55 -13.11 -8.33
C ILE A 3 -5.06 -13.27 -8.63
N GLU A 4 -4.50 -12.36 -9.43
CA GLU A 4 -3.08 -12.40 -9.83
C GLU A 4 -2.33 -11.22 -9.21
N ILE A 5 -1.10 -11.48 -8.73
CA ILE A 5 -0.20 -10.47 -8.21
C ILE A 5 1.02 -10.26 -9.11
N ARG A 6 1.27 -9.03 -9.49
CA ARG A 6 2.47 -8.67 -10.27
C ARG A 6 2.81 -7.19 -10.18
N LYS A 7 4.02 -6.86 -10.61
CA LYS A 7 4.43 -5.47 -10.68
C LYS A 7 3.51 -4.66 -11.58
N LEU A 8 3.11 -3.49 -11.10
CA LEU A 8 2.41 -2.54 -11.95
C LEU A 8 3.31 -2.08 -13.09
N SER A 9 2.66 -1.64 -14.15
CA SER A 9 3.34 -1.04 -15.29
C SER A 9 2.58 0.22 -15.65
N ILE A 10 3.14 1.07 -16.50
CA ILE A 10 2.53 2.39 -16.71
C ILE A 10 1.07 2.28 -17.20
N GLU A 11 0.72 1.20 -17.88
CA GLU A 11 -0.61 1.03 -18.42
C GLU A 11 -1.66 0.90 -17.28
N ASP A 12 -1.23 0.48 -16.09
CA ASP A 12 -2.13 0.41 -14.94
C ASP A 12 -2.48 1.76 -14.28
N LEU A 13 -1.95 2.86 -14.81
CA LEU A 13 -1.92 4.13 -14.05
C LEU A 13 -3.30 4.63 -13.65
N GLU A 14 -4.21 4.65 -14.63
CA GLU A 14 -5.53 5.21 -14.42
C GLU A 14 -6.39 4.37 -13.47
N THR A 15 -6.41 3.05 -13.62
CA THR A 15 -7.15 2.22 -12.67
C THR A 15 -6.52 2.31 -11.29
N LEU A 16 -5.20 2.50 -11.23
CA LEU A 16 -4.50 2.69 -9.93
C LEU A 16 -5.06 3.86 -9.14
N ILE A 17 -5.21 4.99 -9.80
CA ILE A 17 -5.71 6.22 -9.18
C ILE A 17 -7.15 6.03 -8.73
N GLU A 18 -7.93 5.38 -9.56
CA GLU A 18 -9.32 5.17 -9.22
C GLU A 18 -9.48 4.27 -7.99
N VAL A 19 -8.66 3.24 -7.88
CA VAL A 19 -8.68 2.37 -6.70
C VAL A 19 -8.20 3.12 -5.45
N ALA A 20 -7.13 3.89 -5.59
CA ALA A 20 -6.62 4.67 -4.48
C ALA A 20 -7.68 5.60 -3.99
N ARG A 21 -8.31 6.31 -4.91
CA ARG A 21 -9.36 7.24 -4.54
C ARG A 21 -10.51 6.51 -3.83
N GLU A 22 -10.99 5.39 -4.37
CA GLU A 22 -12.16 4.72 -3.78
C GLU A 22 -11.81 4.15 -2.39
N SER A 23 -10.63 3.58 -2.22
CA SER A 23 -10.20 3.03 -0.94
C SER A 23 -10.02 4.13 0.09
N TRP A 24 -9.37 5.21 -0.29
CA TRP A 24 -9.20 6.35 0.62
C TRP A 24 -10.53 6.90 1.15
N LYS A 25 -11.51 7.08 0.27
CA LYS A 25 -12.77 7.68 0.69
C LYS A 25 -13.46 6.81 1.72
N TRP A 26 -13.36 5.50 1.55
CA TRP A 26 -13.93 4.56 2.49
C TRP A 26 -13.13 4.47 3.80
N THR A 27 -11.81 4.33 3.66
CA THR A 27 -10.95 4.12 4.81
C THR A 27 -10.97 5.33 5.79
N TYR A 28 -10.99 6.53 5.24
CA TYR A 28 -10.87 7.74 6.07
C TYR A 28 -12.17 8.48 6.28
N ALA A 29 -13.30 7.83 5.97
CA ALA A 29 -14.62 8.39 6.26
C ALA A 29 -14.76 8.97 7.67
N GLY A 30 -14.28 8.26 8.68
CA GLY A 30 -14.37 8.80 10.04
C GLY A 30 -13.39 9.93 10.35
N ILE A 31 -12.45 10.21 9.46
CA ILE A 31 -11.17 10.77 9.88
C ILE A 31 -10.80 12.07 9.15
N TYR A 32 -10.91 12.08 7.82
CA TYR A 32 -10.63 13.27 7.03
C TYR A 32 -11.85 13.70 6.25
N SER A 33 -11.86 14.95 5.79
CA SER A 33 -12.97 15.47 4.98
C SER A 33 -12.83 15.03 3.51
N GLU A 34 -14.00 14.93 2.87
CA GLU A 34 -14.14 14.60 1.44
C GLU A 34 -13.14 15.37 0.55
N GLU A 35 -13.04 16.68 0.82
CA GLU A 35 -12.16 17.57 0.10
C GLU A 35 -10.68 17.36 0.43
N TYR A 36 -10.35 17.19 1.71
CA TYR A 36 -8.97 16.88 2.09
C TYR A 36 -8.47 15.66 1.28
N ILE A 37 -9.24 14.58 1.34
CA ILE A 37 -8.92 13.34 0.61
C ILE A 37 -8.72 13.60 -0.91
N GLU A 38 -9.66 14.33 -1.50
CA GLU A 38 -9.62 14.63 -2.93
C GLU A 38 -8.36 15.44 -3.26
N SER A 39 -8.01 16.35 -2.36
CA SER A 39 -6.77 17.13 -2.47
C SER A 39 -5.53 16.28 -2.32
N TRP A 40 -5.56 15.40 -1.33
CA TRP A 40 -4.44 14.53 -1.11
C TRP A 40 -4.22 13.61 -2.34
N ILE A 41 -5.30 12.99 -2.83
CA ILE A 41 -5.25 12.13 -4.01
C ILE A 41 -4.70 12.92 -5.21
N ARG A 42 -5.15 14.15 -5.39
CA ARG A 42 -4.68 14.94 -6.54
C ARG A 42 -3.23 15.43 -6.41
N GLU A 43 -2.79 15.67 -5.18
CA GLU A 43 -1.39 16.10 -4.95
C GLU A 43 -0.38 14.96 -4.80
N LYS A 44 -0.73 13.93 -4.04
CA LYS A 44 0.21 12.83 -3.81
C LYS A 44 0.07 11.73 -4.86
N TYR A 45 -1.15 11.38 -5.26
CA TYR A 45 -1.37 10.32 -6.24
C TYR A 45 -1.48 10.90 -7.67
N SER A 46 -0.64 11.89 -7.99
CA SER A 46 -0.68 12.56 -9.26
C SER A 46 -0.19 11.61 -10.32
N LYS A 47 -0.63 11.77 -11.56
CA LYS A 47 -0.13 10.88 -12.62
C LYS A 47 1.41 10.86 -12.66
N GLU A 48 2.03 12.02 -12.61
CA GLU A 48 3.48 12.12 -12.74
C GLU A 48 4.21 11.36 -11.62
N LYS A 49 3.76 11.47 -10.38
CA LYS A 49 4.47 10.85 -9.25
C LYS A 49 4.28 9.35 -9.26
N LEU A 50 3.04 8.91 -9.47
CA LEU A 50 2.78 7.46 -9.55
C LEU A 50 3.56 6.84 -10.70
N LEU A 51 3.67 7.56 -11.81
CA LEU A 51 4.39 7.00 -12.93
C LEU A 51 5.88 6.79 -12.57
N ASN A 52 6.50 7.80 -12.00
CA ASN A 52 7.88 7.69 -11.55
C ASN A 52 8.09 6.56 -10.53
N GLU A 53 7.14 6.36 -9.63
CA GLU A 53 7.22 5.26 -8.68
C GLU A 53 7.06 3.86 -9.36
N ILE A 54 6.10 3.75 -10.28
CA ILE A 54 5.91 2.55 -11.12
C ILE A 54 7.19 2.23 -11.89
N VAL A 55 7.85 3.25 -12.45
CA VAL A 55 9.12 2.99 -13.15
C VAL A 55 10.28 2.54 -12.24
N ARG A 56 10.40 3.19 -11.08
CA ARG A 56 11.44 2.86 -10.13
C ARG A 56 11.28 1.42 -9.70
N SER A 57 10.03 0.97 -9.55
CA SER A 57 9.73 -0.45 -9.24
C SER A 57 10.12 -1.39 -10.38
N GLN A 58 9.78 -0.99 -11.61
CA GLN A 58 10.13 -1.74 -12.81
C GLN A 58 11.62 -1.93 -12.96
N SER A 59 12.37 -0.90 -12.54
CA SER A 59 13.83 -0.89 -12.71
C SER A 59 14.52 -1.53 -11.51
N ASN A 60 13.75 -2.16 -10.64
CA ASN A 60 14.27 -2.76 -9.40
C ASN A 60 15.16 -1.83 -8.59
N LEU A 61 14.71 -0.59 -8.47
CA LEU A 61 15.44 0.40 -7.67
C LEU A 61 14.83 0.43 -6.25
N ASP A 62 14.41 1.61 -5.78
CA ASP A 62 14.09 1.82 -4.37
C ASP A 62 12.58 1.75 -4.10
N ILE A 63 11.80 1.38 -5.09
CA ILE A 63 10.38 1.20 -4.91
C ILE A 63 9.99 -0.23 -5.38
N LEU A 64 9.07 -0.85 -4.67
CA LEU A 64 8.40 -2.07 -5.12
C LEU A 64 6.92 -1.76 -5.17
N PHE A 65 6.27 -1.94 -6.32
CA PHE A 65 4.89 -1.50 -6.50
C PHE A 65 4.09 -2.64 -7.16
N LEU A 66 3.26 -3.33 -6.38
CA LEU A 66 2.55 -4.52 -6.89
C LEU A 66 1.06 -4.25 -6.89
N GLY A 67 0.37 -4.93 -7.80
CA GLY A 67 -1.07 -4.98 -7.86
C GLY A 67 -1.69 -6.37 -7.79
N ALA A 68 -2.93 -6.35 -7.29
CA ALA A 68 -3.79 -7.49 -7.23
C ALA A 68 -4.80 -7.28 -8.34
N PHE A 69 -4.90 -8.26 -9.22
CA PHE A 69 -5.74 -8.17 -10.41
C PHE A 69 -6.74 -9.30 -10.40
N ALA A 70 -8.02 -8.97 -10.44
CA ALA A 70 -9.07 -9.97 -10.42
C ALA A 70 -9.54 -10.09 -11.86
N ASP A 71 -9.35 -11.28 -12.44
CA ASP A 71 -9.64 -11.50 -13.86
C ASP A 71 -9.18 -10.34 -14.73
N SER A 72 -7.94 -9.93 -14.52
CA SER A 72 -7.28 -8.91 -15.34
C SER A 72 -7.61 -7.45 -14.97
N THR A 73 -8.33 -7.23 -13.88
CA THR A 73 -8.73 -5.89 -13.44
C THR A 73 -8.12 -5.56 -12.08
N LEU A 74 -7.38 -4.45 -12.01
CA LEU A 74 -6.70 -4.02 -10.79
C LEU A 74 -7.75 -3.66 -9.74
N ILE A 75 -7.69 -4.36 -8.59
CA ILE A 75 -8.59 -4.12 -7.47
C ILE A 75 -7.86 -3.75 -6.16
N GLY A 76 -6.53 -3.66 -6.20
CA GLY A 76 -5.77 -3.34 -5.00
C GLY A 76 -4.29 -3.27 -5.26
N PHE A 77 -3.55 -2.63 -4.34
CA PHE A 77 -2.13 -2.51 -4.51
C PHE A 77 -1.35 -2.34 -3.21
N ILE A 78 -0.05 -2.59 -3.32
CA ILE A 78 0.89 -2.40 -2.23
C ILE A 78 2.12 -1.72 -2.83
N GLU A 79 2.69 -0.80 -2.06
CA GLU A 79 3.86 -0.09 -2.45
C GLU A 79 4.82 0.03 -1.29
N LEU A 80 6.06 -0.34 -1.56
CA LEU A 80 7.14 -0.31 -0.59
C LEU A 80 8.26 0.60 -1.09
N LYS A 81 8.95 1.21 -0.12
CA LYS A 81 10.07 2.07 -0.35
C LYS A 81 11.21 1.42 0.41
N ILE A 82 12.33 1.23 -0.27
CA ILE A 82 13.49 0.57 0.31
C ILE A 82 14.56 1.62 0.47
N ILE A 83 15.12 1.72 1.66
CA ILE A 83 16.32 2.50 1.90
C ILE A 83 17.29 1.61 2.67
N ALA A 84 18.49 1.40 2.14
CA ALA A 84 19.47 0.51 2.75
C ALA A 84 18.83 -0.89 2.74
N ASN A 85 18.89 -1.59 3.87
CA ASN A 85 18.24 -2.89 4.01
C ASN A 85 17.04 -2.79 4.91
N LYS A 86 16.29 -1.70 4.76
CA LYS A 86 15.05 -1.51 5.51
C LYS A 86 13.96 -1.10 4.52
N ALA A 87 12.78 -1.67 4.71
CA ALA A 87 11.62 -1.33 3.89
C ALA A 87 10.63 -0.53 4.71
N GLU A 88 9.98 0.40 4.05
CA GLU A 88 8.82 1.03 4.58
C GLU A 88 7.58 0.71 3.69
N LEU A 89 6.52 0.28 4.34
CA LEU A 89 5.30 -0.01 3.64
C LEU A 89 4.57 1.33 3.51
N LEU A 90 4.68 1.95 2.33
CA LEU A 90 4.01 3.24 2.05
C LEU A 90 2.49 3.16 1.92
N ARG A 91 2.02 2.16 1.17
CA ARG A 91 0.63 2.10 0.74
C ARG A 91 0.17 0.64 0.56
N LEU A 92 -1.05 0.37 1.02
CA LEU A 92 -1.71 -0.88 0.83
C LEU A 92 -3.19 -0.56 0.88
N TYR A 93 -3.85 -0.63 -0.27
CA TYR A 93 -5.23 -0.23 -0.41
C TYR A 93 -5.91 -1.22 -1.34
N LEU A 94 -7.13 -1.64 -0.96
CA LEU A 94 -7.98 -2.48 -1.80
C LEU A 94 -9.25 -1.72 -2.07
N LYS A 95 -9.95 -2.01 -3.16
CA LYS A 95 -11.31 -1.53 -3.33
C LYS A 95 -12.16 -2.15 -2.21
N PRO A 96 -12.99 -1.34 -1.54
CA PRO A 96 -13.71 -1.71 -0.33
C PRO A 96 -14.45 -3.07 -0.41
N GLU A 97 -15.05 -3.37 -1.56
CA GLU A 97 -15.79 -4.60 -1.81
C GLU A 97 -14.91 -5.85 -1.87
N TYR A 98 -13.61 -5.65 -2.10
CA TYR A 98 -12.65 -6.74 -2.17
C TYR A 98 -11.91 -6.93 -0.86
N THR A 99 -12.27 -6.18 0.19
CA THR A 99 -11.62 -6.36 1.46
C THR A 99 -12.12 -7.62 2.16
N HIS A 100 -11.34 -8.10 3.15
CA HIS A 100 -11.71 -9.21 4.06
C HIS A 100 -11.79 -10.53 3.29
N LYS A 101 -11.01 -10.66 2.22
CA LYS A 101 -10.94 -11.93 1.51
C LYS A 101 -9.48 -12.38 1.37
N LYS A 102 -8.62 -11.78 2.19
CA LYS A 102 -7.19 -12.12 2.25
C LYS A 102 -6.38 -11.69 1.05
N ILE A 103 -6.92 -10.78 0.26
CA ILE A 103 -6.14 -10.25 -0.86
C ILE A 103 -5.01 -9.34 -0.34
N GLY A 104 -5.28 -8.58 0.72
CA GLY A 104 -4.24 -7.76 1.29
C GLY A 104 -3.15 -8.56 1.98
N LYS A 105 -3.54 -9.65 2.62
CA LYS A 105 -2.58 -10.54 3.23
C LYS A 105 -1.67 -11.09 2.15
N THR A 106 -2.27 -11.47 1.02
CA THR A 106 -1.54 -12.00 -0.14
C THR A 106 -0.59 -10.96 -0.74
N LEU A 107 -1.03 -9.73 -0.93
CA LEU A 107 -0.12 -8.65 -1.34
C LEU A 107 1.07 -8.55 -0.39
N LEU A 108 0.77 -8.53 0.91
CA LEU A 108 1.80 -8.41 1.93
C LEU A 108 2.79 -9.55 1.90
N LEU A 109 2.32 -10.79 1.74
CA LEU A 109 3.18 -11.96 1.73
C LEU A 109 4.08 -11.97 0.51
N GLU A 110 3.58 -11.52 -0.64
CA GLU A 110 4.40 -11.48 -1.86
C GLU A 110 5.49 -10.43 -1.72
N ALA A 111 5.13 -9.23 -1.27
CA ALA A 111 6.11 -8.19 -0.97
C ALA A 111 7.17 -8.76 -0.01
N GLU A 112 6.74 -9.48 1.03
CA GLU A 112 7.69 -10.05 2.01
C GLU A 112 8.68 -11.01 1.39
N LYS A 113 8.17 -11.87 0.51
CA LYS A 113 8.97 -12.82 -0.24
C LYS A 113 9.98 -12.09 -1.12
N ILE A 114 9.57 -11.04 -1.81
CA ILE A 114 10.54 -10.31 -2.65
C ILE A 114 11.60 -9.63 -1.76
N LYS A 116 12.73 -10.50 1.33
CA LYS A 116 13.61 -11.55 1.83
C LYS A 116 14.58 -12.01 0.77
N LYS A 117 14.16 -12.05 -0.48
CA LYS A 117 15.10 -12.40 -1.56
C LYS A 117 16.18 -11.31 -1.72
N LYS A 118 15.82 -10.05 -1.48
CA LYS A 118 16.80 -8.96 -1.55
C LYS A 118 17.63 -8.80 -0.25
N GLY A 119 17.42 -9.65 0.76
CA GLY A 119 18.12 -9.52 2.03
C GLY A 119 17.59 -8.45 2.98
N ILE A 120 16.40 -7.91 2.72
CA ILE A 120 15.83 -6.91 3.62
C ILE A 120 15.01 -7.64 4.69
N LEU A 121 15.30 -7.35 5.95
CA LEU A 121 14.76 -8.15 7.07
C LEU A 121 13.96 -7.33 8.10
N GLU A 122 13.50 -6.15 7.70
CA GLU A 122 12.80 -5.25 8.58
C GLU A 122 11.84 -4.39 7.74
N CYS A 123 10.61 -4.27 8.21
CA CYS A 123 9.58 -3.46 7.58
C CYS A 123 8.97 -2.54 8.64
N ARG A 124 8.89 -1.25 8.36
CA ARG A 124 8.20 -0.30 9.23
C ARG A 124 7.05 0.37 8.46
N LEU A 125 6.03 0.82 9.19
CA LEU A 125 4.91 1.48 8.52
C LEU A 125 4.28 2.54 9.38
N TYR A 126 3.55 3.46 8.75
CA TYR A 126 2.79 4.50 9.46
C TYR A 126 1.29 4.26 9.28
N VAL A 127 0.56 4.10 10.37
CA VAL A 127 -0.88 3.88 10.26
C VAL A 127 -1.56 4.85 11.17
N HIS A 128 -2.57 5.53 10.65
CA HIS A 128 -3.38 6.45 11.43
C HIS A 128 -4.02 5.69 12.60
N ARG A 129 -3.93 6.25 13.79
CA ARG A 129 -4.43 5.59 15.01
C ARG A 129 -5.94 5.28 15.02
N GLN A 130 -6.75 6.09 14.30
CA GLN A 130 -8.18 5.85 14.18
C GLN A 130 -8.55 4.88 13.05
N ASN A 131 -7.58 4.46 12.23
CA ASN A 131 -7.87 3.47 11.20
C ASN A 131 -7.82 2.05 11.74
N SER A 132 -8.90 1.64 12.40
CA SER A 132 -8.96 0.30 13.00
C SER A 132 -8.87 -0.85 11.98
N VAL A 133 -9.38 -0.62 10.77
CA VAL A 133 -9.39 -1.65 9.73
C VAL A 133 -7.93 -2.02 9.42
N GLY A 134 -7.14 -1.03 9.02
CA GLY A 134 -5.75 -1.28 8.75
C GLY A 134 -4.93 -1.72 9.95
N PHE A 135 -5.08 -1.00 11.06
CA PHE A 135 -4.35 -1.29 12.28
C PHE A 135 -4.54 -2.73 12.70
N SER A 136 -5.78 -3.18 12.76
CA SER A 136 -6.11 -4.56 13.17
C SER A 136 -5.54 -5.54 12.16
N PHE A 137 -5.62 -5.22 10.88
CA PHE A 137 -5.01 -6.10 9.89
C PHE A 137 -3.51 -6.29 10.12
N TYR A 138 -2.84 -5.17 10.43
CA TYR A 138 -1.41 -5.21 10.70
C TYR A 138 -1.01 -6.03 11.90
N TYR A 139 -1.66 -5.84 13.05
CA TYR A 139 -1.28 -6.67 14.18
C TYR A 139 -1.68 -8.14 14.00
N LYS A 140 -2.69 -8.41 13.20
CA LYS A 140 -3.02 -9.81 12.88
C LYS A 140 -2.03 -10.40 11.93
N ASN A 141 -1.14 -9.60 11.34
CA ASN A 141 -0.08 -10.09 10.48
C ASN A 141 1.31 -9.82 11.07
N GLY A 142 1.39 -9.78 12.38
CA GLY A 142 2.69 -9.80 13.04
C GLY A 142 3.33 -8.45 13.25
N PHE A 143 2.65 -7.35 12.95
CA PHE A 143 3.23 -6.06 13.20
C PHE A 143 2.99 -5.66 14.65
N LYS A 144 3.96 -4.95 15.21
CA LYS A 144 3.89 -4.47 16.59
C LYS A 144 4.13 -2.98 16.66
N VAL A 145 3.41 -2.27 17.53
CA VAL A 145 3.61 -0.82 17.63
C VAL A 145 4.96 -0.53 18.29
N GLU A 146 5.77 0.33 17.67
CA GLU A 146 7.05 0.70 18.30
C GLU A 146 7.09 2.14 18.77
N ASP A 147 6.23 2.99 18.22
CA ASP A 147 6.30 4.40 18.52
C ASP A 147 5.04 5.07 17.96
N THR A 148 4.91 6.37 18.26
CA THR A 148 3.94 7.25 17.60
C THR A 148 4.64 8.44 16.92
N ASP A 149 3.94 9.01 15.95
CA ASP A 149 4.35 10.25 15.27
C ASP A 149 3.07 10.95 14.83
N GLY A 150 2.79 12.07 15.45
CA GLY A 150 1.56 12.79 15.17
C GLY A 150 0.35 11.90 15.41
N SER A 151 -0.52 11.84 14.42
CA SER A 151 -1.74 11.08 14.50
C SER A 151 -1.50 9.58 14.23
N ASP A 152 -0.27 9.19 13.91
CA ASP A 152 -0.01 7.82 13.49
C ASP A 152 0.69 7.01 14.54
N PHE A 153 0.47 5.70 14.48
CA PHE A 153 1.33 4.71 15.13
C PHE A 153 2.42 4.27 14.14
N ILE A 154 3.63 4.10 14.65
CA ILE A 154 4.73 3.52 13.89
C ILE A 154 4.88 2.06 14.28
N GLU A 156 6.26 -2.01 13.38
CA GLU A 156 7.42 -2.67 12.85
C GLU A 156 7.22 -4.18 12.86
N LYS A 157 7.85 -4.81 11.88
CA LYS A 157 7.91 -6.25 11.80
C LYS A 157 9.30 -6.65 11.30
N LYS A 158 9.88 -7.61 12.01
CA LYS A 158 11.22 -8.10 11.72
C LYS A 158 11.17 -9.51 11.15
N TYR A 159 12.15 -9.86 10.33
CA TYR A 159 12.28 -11.23 9.82
C TYR A 159 13.67 -11.79 10.06
#